data_4QNI
#
_entry.id   4QNI
#
_cell.length_a   96.922
_cell.length_b   96.922
_cell.length_c   158.067
_cell.angle_alpha   90.000
_cell.angle_beta   90.000
_cell.angle_gamma   90.000
#
_symmetry.space_group_name_H-M   'I 4 2 2'
#
loop_
_entity.id
_entity.type
_entity.pdbx_description
1 polymer 'Uncharacterized protein'
2 non-polymer 'CHLORIDE ION'
3 non-polymer 'CITRIC ACID'
4 non-polymer 1,2-ETHANEDIOL
5 water water
#
_entity_poly.entity_id   1
_entity_poly.type   'polypeptide(L)'
_entity_poly.pdbx_seq_one_letter_code
;GSEWEDEQYEHYISFSSQLDSKGVTNIYVPYSRHDAEGNYAEGGEGRSNYQLPILVSGSTDNPSNVTVHVAHDADTLNIL
NYARYATRTELYYED(MSE)GAEGLAYASYPESLQIKAGENKGLLDLKFDFRNID(MSE)SEKWVLPLQIVDDASYNYVA
HPRKDYAKAILRIFPFNDYSGDYSGTGITNKVVTGYDGDGKPIETAESITKSSIRGYVIDEQTIFTYAGIVDEDYTDRRK
YKIKFAFNGETNGSVTISCDNAEEIGFELNKDVTPSFRISSS(MSE)DDAKPYLEHRYVIINNVDYYFNYIPVEGTIIRY
HVKGTLTLSRDINTQIPDEDQAIEW
;
_entity_poly.pdbx_strand_id   A
#
loop_
_chem_comp.id
_chem_comp.type
_chem_comp.name
_chem_comp.formula
CIT non-polymer 'CITRIC ACID' 'C6 H8 O7'
CL non-polymer 'CHLORIDE ION' 'Cl -1'
EDO non-polymer 1,2-ETHANEDIOL 'C2 H6 O2'
#
# COMPACT_ATOMS: atom_id res chain seq x y z
N TYR A 9 33.39 12.72 14.16
CA TYR A 9 32.48 12.05 13.23
C TYR A 9 31.05 12.07 13.81
N GLU A 10 30.30 10.92 13.74
CA GLU A 10 28.93 10.66 14.24
C GLU A 10 27.82 11.39 13.42
N HIS A 11 28.10 12.62 12.95
CA HIS A 11 27.16 13.48 12.20
C HIS A 11 27.68 13.86 10.82
N TYR A 12 26.90 13.52 9.79
CA TYR A 12 27.13 13.91 8.41
C TYR A 12 26.21 15.10 8.09
N ILE A 13 26.80 16.17 7.57
CA ILE A 13 26.11 17.40 7.22
C ILE A 13 26.12 17.59 5.71
N SER A 14 24.97 17.96 5.15
CA SER A 14 24.88 18.22 3.70
C SER A 14 23.73 19.20 3.38
N PHE A 15 23.84 19.92 2.26
CA PHE A 15 22.78 20.82 1.78
C PHE A 15 21.74 19.95 1.12
N SER A 16 20.43 20.37 1.04
CA SER A 16 19.37 19.54 0.42
C SER A 16 19.76 19.15 -1.03
N SER A 17 20.63 18.14 -1.00
CA SER A 17 21.32 17.30 -1.96
C SER A 17 21.50 15.99 -1.18
N GLN A 18 20.59 15.07 -1.44
CA GLN A 18 20.55 13.75 -0.86
C GLN A 18 20.01 12.83 -1.96
N LEU A 19 20.61 11.63 -2.13
CA LEU A 19 20.19 10.65 -3.14
C LEU A 19 18.76 10.15 -2.84
N ASP A 20 18.11 10.76 -1.82
CA ASP A 20 16.75 10.49 -1.38
C ASP A 20 15.72 11.12 -2.39
N SER A 21 15.86 10.65 -3.63
CA SER A 21 15.06 10.74 -4.85
C SER A 21 14.70 9.26 -5.11
N LYS A 22 15.49 8.40 -4.41
CA LYS A 22 15.49 6.95 -4.26
C LYS A 22 15.60 6.64 -2.75
N GLY A 23 15.32 5.41 -2.35
CA GLY A 23 15.43 5.07 -0.93
C GLY A 23 14.33 4.22 -0.35
N VAL A 24 13.06 4.44 -0.78
CA VAL A 24 11.92 3.66 -0.26
C VAL A 24 11.76 2.36 -1.05
N THR A 25 11.76 1.20 -0.36
CA THR A 25 11.53 -0.13 -0.92
C THR A 25 10.09 -0.53 -0.58
N ASN A 26 9.34 -0.96 -1.59
CA ASN A 26 7.97 -1.38 -1.45
C ASN A 26 7.95 -2.86 -1.11
N ILE A 27 7.31 -3.21 0.00
CA ILE A 27 7.23 -4.58 0.52
C ILE A 27 5.76 -4.94 0.68
N TYR A 28 5.36 -6.04 0.07
CA TYR A 28 3.99 -6.52 0.11
C TYR A 28 3.92 -7.68 1.08
N VAL A 29 3.07 -7.52 2.09
CA VAL A 29 2.89 -8.44 3.21
C VAL A 29 1.41 -8.86 3.25
N PRO A 30 1.05 -10.17 3.31
CA PRO A 30 -0.38 -10.50 3.36
C PRO A 30 -0.99 -9.90 4.60
N TYR A 31 -2.22 -9.32 4.50
CA TYR A 31 -2.89 -8.69 5.64
C TYR A 31 -3.04 -9.74 6.75
N SER A 32 -3.38 -10.96 6.36
CA SER A 32 -3.47 -12.12 7.23
C SER A 32 -2.56 -13.22 6.70
N ARG A 33 -1.71 -13.75 7.55
CA ARG A 33 -0.87 -14.90 7.24
C ARG A 33 -1.65 -16.18 7.55
N HIS A 34 -1.84 -17.01 6.55
CA HIS A 34 -2.54 -18.28 6.74
C HIS A 34 -1.93 -19.34 5.85
N ASP A 35 -2.31 -20.61 6.10
CA ASP A 35 -1.88 -21.82 5.41
C ASP A 35 -2.77 -22.12 4.19
N ALA A 36 -2.32 -23.06 3.33
CA ALA A 36 -3.05 -23.47 2.12
C ALA A 36 -4.54 -23.78 2.40
N GLU A 37 -4.85 -24.27 3.62
CA GLU A 37 -6.20 -24.59 4.09
C GLU A 37 -6.98 -23.32 4.57
N GLY A 38 -6.32 -22.17 4.57
CA GLY A 38 -6.91 -20.88 4.97
C GLY A 38 -7.01 -20.58 6.45
N ASN A 39 -6.39 -21.42 7.33
CA ASN A 39 -6.34 -21.18 8.79
C ASN A 39 -5.21 -20.18 9.12
N TYR A 40 -5.44 -19.29 10.10
CA TYR A 40 -4.50 -18.26 10.51
C TYR A 40 -3.24 -18.81 11.17
N ALA A 41 -2.11 -18.37 10.63
CA ALA A 41 -0.78 -18.78 11.02
C ALA A 41 -0.12 -17.85 12.01
N GLU A 42 -0.56 -16.58 12.09
CA GLU A 42 0.14 -15.63 12.97
C GLU A 42 -0.72 -15.05 14.09
N GLY A 43 -1.79 -15.77 14.45
CA GLY A 43 -2.67 -15.41 15.56
C GLY A 43 -4.05 -14.90 15.20
N GLY A 44 -4.34 -14.79 13.92
CA GLY A 44 -5.64 -14.33 13.45
C GLY A 44 -5.59 -13.31 12.35
N GLU A 45 -6.76 -12.78 12.07
CA GLU A 45 -7.14 -11.75 11.11
C GLU A 45 -6.25 -10.52 11.36
N GLY A 46 -5.58 -10.03 10.32
CA GLY A 46 -4.71 -8.87 10.44
C GLY A 46 -3.34 -9.09 11.06
N ARG A 47 -3.03 -10.37 11.44
CA ARG A 47 -1.75 -10.76 12.00
C ARG A 47 -0.97 -11.41 10.91
N SER A 48 0.25 -10.95 10.73
CA SER A 48 1.08 -11.45 9.64
C SER A 48 2.56 -11.36 9.96
N ASN A 49 3.41 -11.63 8.95
CA ASN A 49 4.86 -11.59 9.11
C ASN A 49 5.53 -11.40 7.79
N TYR A 50 6.80 -11.07 7.81
CA TYR A 50 7.61 -10.93 6.62
C TYR A 50 9.05 -11.28 6.95
N GLN A 51 9.62 -12.22 6.18
CA GLN A 51 10.99 -12.68 6.34
C GLN A 51 11.93 -11.80 5.47
N LEU A 52 12.64 -10.88 6.12
CA LEU A 52 13.49 -9.92 5.42
C LEU A 52 14.93 -10.42 5.32
N PRO A 53 15.42 -10.68 4.07
CA PRO A 53 16.79 -11.17 3.92
C PRO A 53 17.86 -10.15 4.28
N ILE A 54 18.94 -10.66 4.90
CA ILE A 54 20.12 -9.91 5.30
C ILE A 54 21.27 -10.71 4.73
N LEU A 55 22.08 -10.04 3.90
CA LEU A 55 23.20 -10.68 3.22
C LEU A 55 24.51 -10.42 3.94
N VAL A 56 25.35 -11.45 3.99
CA VAL A 56 26.65 -11.44 4.67
C VAL A 56 27.74 -11.97 3.75
N SER A 57 28.83 -11.21 3.61
CA SER A 57 30.04 -11.60 2.88
C SER A 57 31.02 -12.38 3.82
N GLY A 58 32.03 -13.05 3.27
CA GLY A 58 33.03 -13.80 4.02
C GLY A 58 32.54 -15.01 4.81
N PRO A 63 34.69 -17.64 8.31
CA PRO A 63 34.03 -18.94 8.49
C PRO A 63 33.63 -19.18 9.96
N SER A 64 33.14 -18.11 10.62
CA SER A 64 32.65 -18.10 12.01
C SER A 64 31.16 -17.67 12.05
N ASN A 65 30.53 -17.63 13.26
CA ASN A 65 29.13 -17.23 13.49
C ASN A 65 29.02 -15.72 13.63
N VAL A 66 28.06 -15.10 12.92
CA VAL A 66 27.87 -13.65 12.92
C VAL A 66 26.53 -13.29 13.56
N THR A 67 26.56 -12.36 14.52
CA THR A 67 25.37 -11.84 15.18
C THR A 67 25.18 -10.44 14.62
N VAL A 68 24.12 -10.25 13.86
CA VAL A 68 23.80 -8.97 13.22
C VAL A 68 22.85 -8.20 14.11
N HIS A 69 23.15 -6.93 14.33
CA HIS A 69 22.35 -6.01 15.13
C HIS A 69 21.64 -5.06 14.20
N VAL A 70 20.31 -4.99 14.38
CA VAL A 70 19.37 -4.23 13.57
C VAL A 70 18.65 -3.25 14.49
N ALA A 71 18.46 -2.00 14.03
CA ALA A 71 17.77 -1.02 14.85
C ALA A 71 16.88 -0.13 14.00
N HIS A 72 15.89 0.50 14.66
CA HIS A 72 14.97 1.48 14.11
C HIS A 72 15.82 2.66 13.62
N ASP A 73 15.52 3.20 12.43
CA ASP A 73 16.31 4.29 11.85
C ASP A 73 15.38 5.46 11.45
N ALA A 74 14.84 6.15 12.45
CA ALA A 74 13.95 7.30 12.25
C ALA A 74 14.70 8.46 11.57
N ASP A 75 16.03 8.56 11.78
CA ASP A 75 16.90 9.60 11.21
C ASP A 75 16.90 9.59 9.71
N THR A 76 17.17 8.44 9.08
CA THR A 76 17.18 8.31 7.61
C THR A 76 15.77 8.64 7.04
N LEU A 77 14.71 8.20 7.72
CA LEU A 77 13.35 8.50 7.27
C LEU A 77 13.12 10.01 7.33
N ASN A 78 13.54 10.67 8.43
CA ASN A 78 13.40 12.12 8.55
C ASN A 78 14.11 12.87 7.43
N ILE A 79 15.38 12.52 7.11
CA ILE A 79 16.15 13.14 6.01
C ILE A 79 15.37 12.93 4.70
N LEU A 80 14.93 11.69 4.44
CA LEU A 80 14.21 11.35 3.23
C LEU A 80 12.92 12.17 3.13
N ASN A 81 12.14 12.27 4.24
CA ASN A 81 10.88 13.05 4.21
C ASN A 81 11.16 14.53 3.89
N TYR A 82 12.17 15.16 4.54
CA TYR A 82 12.45 16.57 4.27
C TYR A 82 13.00 16.78 2.86
N ALA A 83 13.86 15.86 2.39
CA ALA A 83 14.43 15.92 1.04
C ALA A 83 13.37 15.74 -0.04
N ARG A 84 12.37 14.91 0.22
CA ARG A 84 11.34 14.60 -0.74
C ARG A 84 10.15 15.57 -0.72
N TYR A 85 9.70 15.97 0.48
CA TYR A 85 8.48 16.78 0.58
C TYR A 85 8.65 18.13 1.26
N ALA A 86 9.84 18.44 1.81
CA ALA A 86 10.14 19.67 2.53
C ALA A 86 9.05 20.01 3.58
N THR A 87 8.38 21.16 3.46
CA THR A 87 7.37 21.70 4.38
C THR A 87 6.03 20.91 4.37
N ARG A 88 5.71 20.22 3.25
CA ARG A 88 4.47 19.49 3.09
C ARG A 88 4.47 18.19 3.92
N THR A 89 4.36 18.33 5.26
CA THR A 89 4.39 17.23 6.24
C THR A 89 3.19 16.26 6.12
N GLU A 90 2.11 16.73 5.46
CA GLU A 90 0.90 15.95 5.22
C GLU A 90 1.19 14.79 4.23
N LEU A 91 2.31 14.88 3.48
CA LEU A 91 2.74 13.89 2.50
C LEU A 91 3.85 13.00 3.00
N TYR A 92 4.39 13.25 4.21
CA TYR A 92 5.52 12.49 4.75
C TYR A 92 5.20 11.02 4.90
N TYR A 93 6.22 10.16 4.78
CA TYR A 93 6.09 8.74 5.11
C TYR A 93 6.03 8.67 6.62
N GLU A 94 5.05 7.96 7.18
CA GLU A 94 4.92 7.90 8.63
C GLU A 94 5.70 6.74 9.17
N ASP A 95 6.32 6.97 10.29
CA ASP A 95 7.20 6.03 10.98
C ASP A 95 6.40 4.95 11.74
N MSE A 96 6.30 3.79 11.14
CA MSE A 96 5.63 2.60 11.67
C MSE A 96 6.33 2.01 12.87
O MSE A 96 5.67 1.33 13.67
CB MSE A 96 5.60 1.55 10.57
CG MSE A 96 4.45 0.62 10.69
SE MSE A 96 4.64 -0.59 9.21
CE MSE A 96 2.87 -1.25 9.25
N GLY A 97 7.64 2.22 12.98
CA GLY A 97 8.45 1.71 14.09
C GLY A 97 8.60 2.65 15.26
N ALA A 98 7.87 3.78 15.27
CA ALA A 98 7.93 4.76 16.35
C ALA A 98 7.47 4.17 17.69
N GLU A 99 7.98 4.76 18.79
CA GLU A 99 7.71 4.40 20.18
C GLU A 99 6.23 4.32 20.47
N GLY A 100 5.79 3.16 20.94
CA GLY A 100 4.40 2.91 21.31
C GLY A 100 3.50 2.28 20.26
N LEU A 101 3.92 2.31 18.97
CA LEU A 101 3.10 1.72 17.89
C LEU A 101 3.16 0.21 18.01
N ALA A 102 2.08 -0.42 17.66
CA ALA A 102 2.01 -1.86 17.79
C ALA A 102 1.72 -2.51 16.43
N TYR A 103 2.22 -1.88 15.35
CA TYR A 103 2.03 -2.38 14.01
C TYR A 103 3.07 -3.40 13.66
N ALA A 104 4.31 -3.18 14.10
CA ALA A 104 5.42 -4.00 13.75
C ALA A 104 6.36 -4.29 14.90
N SER A 105 6.93 -5.49 14.89
CA SER A 105 7.97 -5.91 15.81
C SER A 105 9.00 -6.72 15.00
N TYR A 106 10.23 -6.79 15.49
CA TYR A 106 11.32 -7.53 14.87
C TYR A 106 12.43 -7.79 15.92
N PRO A 107 13.25 -8.85 15.77
CA PRO A 107 14.36 -9.01 16.71
C PRO A 107 15.39 -7.90 16.50
N GLU A 108 16.04 -7.46 17.58
CA GLU A 108 17.07 -6.42 17.47
C GLU A 108 18.41 -7.08 17.16
N SER A 109 18.43 -8.42 17.17
CA SER A 109 19.62 -9.22 16.94
C SER A 109 19.29 -10.48 16.10
N LEU A 110 20.14 -10.78 15.11
CA LEU A 110 19.94 -11.94 14.24
C LEU A 110 21.24 -12.74 14.11
N GLN A 111 21.15 -14.06 14.29
CA GLN A 111 22.30 -14.94 14.14
C GLN A 111 22.38 -15.49 12.71
N ILE A 112 23.60 -15.52 12.16
CA ILE A 112 23.87 -16.10 10.83
C ILE A 112 24.75 -17.32 11.07
N LYS A 113 24.36 -18.51 10.55
CA LYS A 113 25.15 -19.73 10.70
C LYS A 113 26.51 -19.59 10.00
N ALA A 114 27.54 -20.22 10.57
CA ALA A 114 28.95 -20.20 10.19
C ALA A 114 29.23 -20.02 8.67
N GLY A 115 28.75 -20.95 7.83
CA GLY A 115 29.00 -20.92 6.39
C GLY A 115 27.89 -20.38 5.53
N GLU A 116 26.93 -19.68 6.16
CA GLU A 116 25.80 -19.10 5.45
C GLU A 116 26.10 -17.66 5.04
N ASN A 117 25.54 -17.25 3.89
CA ASN A 117 25.72 -15.90 3.34
C ASN A 117 24.44 -15.06 3.49
N LYS A 118 23.41 -15.64 4.13
CA LYS A 118 22.12 -15.00 4.34
C LYS A 118 21.52 -15.38 5.69
N GLY A 119 20.63 -14.53 6.15
CA GLY A 119 19.83 -14.69 7.36
C GLY A 119 18.48 -14.04 7.11
N LEU A 120 17.45 -14.43 7.84
CA LEU A 120 16.15 -13.83 7.59
C LEU A 120 15.67 -13.17 8.84
N LEU A 121 15.42 -11.87 8.77
CA LEU A 121 14.91 -11.10 9.88
C LEU A 121 13.37 -11.21 9.86
N ASP A 122 12.79 -11.90 10.85
CA ASP A 122 11.34 -12.13 10.86
C ASP A 122 10.56 -10.93 11.40
N LEU A 123 9.99 -10.14 10.50
CA LEU A 123 9.18 -8.99 10.91
C LEU A 123 7.78 -9.48 11.24
N LYS A 124 7.21 -9.11 12.42
CA LYS A 124 5.85 -9.51 12.79
C LYS A 124 4.96 -8.29 12.67
N PHE A 125 3.74 -8.48 12.17
CA PHE A 125 2.85 -7.37 11.92
C PHE A 125 1.47 -7.60 12.48
N ASP A 126 0.87 -6.50 12.94
CA ASP A 126 -0.49 -6.41 13.43
C ASP A 126 -1.10 -5.24 12.69
N PHE A 127 -1.80 -5.55 11.59
CA PHE A 127 -2.36 -4.55 10.70
C PHE A 127 -3.79 -4.18 11.06
N ARG A 128 -4.34 -4.79 12.11
CA ARG A 128 -5.70 -4.47 12.56
C ARG A 128 -5.89 -2.96 12.78
N ASN A 129 -6.87 -2.41 12.08
CA ASN A 129 -7.32 -1.03 12.08
C ASN A 129 -6.30 -0.05 11.55
N ILE A 130 -5.28 -0.53 10.78
CA ILE A 130 -4.30 0.38 10.21
C ILE A 130 -5.03 1.35 9.23
N ASP A 131 -4.65 2.62 9.27
CA ASP A 131 -5.16 3.63 8.37
C ASP A 131 -4.06 3.80 7.33
N MSE A 132 -4.28 3.26 6.14
CA MSE A 132 -3.30 3.27 5.06
C MSE A 132 -3.15 4.67 4.40
O MSE A 132 -2.27 4.84 3.56
CB MSE A 132 -3.59 2.17 4.03
CG MSE A 132 -3.29 0.76 4.57
SE MSE A 132 -1.38 0.49 4.95
CE MSE A 132 -0.73 0.48 3.14
N SER A 133 -3.94 5.66 4.89
CA SER A 133 -3.88 7.08 4.51
C SER A 133 -2.53 7.65 4.90
N GLU A 134 -2.00 7.12 6.00
CA GLU A 134 -0.65 7.39 6.48
C GLU A 134 0.22 6.55 5.62
N LYS A 135 1.27 7.11 5.05
CA LYS A 135 2.11 6.33 4.14
C LYS A 135 3.12 5.59 5.03
N TRP A 136 2.62 4.55 5.76
CA TRP A 136 3.37 3.80 6.76
C TRP A 136 4.61 3.17 6.19
N VAL A 137 5.74 3.43 6.83
CA VAL A 137 7.05 2.95 6.45
C VAL A 137 7.75 2.38 7.70
N LEU A 138 8.51 1.28 7.54
CA LEU A 138 9.28 0.76 8.65
C LEU A 138 10.75 1.03 8.34
N PRO A 139 11.41 2.02 9.02
CA PRO A 139 12.82 2.33 8.72
C PRO A 139 13.80 1.51 9.60
N LEU A 140 14.74 0.78 8.98
CA LEU A 140 15.70 -0.08 9.70
C LEU A 140 17.11 0.16 9.24
N GLN A 141 18.08 -0.17 10.10
CA GLN A 141 19.49 -0.07 9.76
C GLN A 141 20.26 -1.22 10.40
N ILE A 142 21.38 -1.60 9.74
CA ILE A 142 22.36 -2.52 10.28
C ILE A 142 23.21 -1.66 11.23
N VAL A 143 23.31 -2.05 12.51
CA VAL A 143 24.03 -1.29 13.52
C VAL A 143 25.51 -1.63 13.42
N ASP A 144 26.37 -0.60 13.45
CA ASP A 144 27.82 -0.78 13.41
C ASP A 144 28.43 -0.52 14.78
N ASP A 145 29.40 -1.38 15.19
CA ASP A 145 30.13 -1.25 16.46
C ASP A 145 31.47 -1.98 16.42
N ALA A 146 32.45 -1.46 17.20
CA ALA A 146 33.80 -2.02 17.32
C ALA A 146 33.79 -3.42 17.97
N SER A 147 32.82 -3.67 18.88
CA SER A 147 32.59 -4.94 19.58
C SER A 147 32.22 -6.07 18.61
N TYR A 148 31.34 -5.74 17.62
CA TYR A 148 30.79 -6.63 16.60
C TYR A 148 31.87 -7.22 15.66
N ASN A 149 31.66 -8.50 15.27
CA ASN A 149 32.53 -9.27 14.36
C ASN A 149 32.04 -9.08 12.90
N TYR A 150 31.71 -7.82 12.53
CA TYR A 150 31.21 -7.40 11.22
C TYR A 150 31.22 -5.87 11.05
N VAL A 151 30.96 -5.42 9.81
CA VAL A 151 30.84 -4.00 9.43
C VAL A 151 29.63 -3.85 8.49
N ALA A 152 28.76 -2.85 8.77
CA ALA A 152 27.64 -2.51 7.90
C ALA A 152 28.23 -2.01 6.58
N HIS A 153 27.69 -2.47 5.45
CA HIS A 153 28.17 -2.14 4.11
C HIS A 153 28.55 -0.66 3.97
N PRO A 154 29.78 -0.35 3.44
CA PRO A 154 30.20 1.04 3.26
C PRO A 154 29.15 1.90 2.54
N ARG A 155 28.44 1.32 1.53
CA ARG A 155 27.36 1.99 0.83
C ARG A 155 26.17 2.02 1.79
N LYS A 156 26.04 3.13 2.56
CA LYS A 156 24.99 3.36 3.56
C LYS A 156 23.60 2.96 3.03
N ASP A 157 23.38 3.13 1.70
CA ASP A 157 22.18 2.77 0.95
C ASP A 157 21.86 1.24 1.06
N TYR A 158 22.90 0.38 1.24
CA TYR A 158 22.81 -1.08 1.37
C TYR A 158 22.59 -1.53 2.81
N ALA A 159 23.13 -0.77 3.78
CA ALA A 159 23.02 -1.06 5.20
C ALA A 159 21.73 -0.46 5.82
N LYS A 160 20.87 0.13 4.97
CA LYS A 160 19.63 0.77 5.40
C LYS A 160 18.46 0.32 4.56
N ALA A 161 17.31 0.10 5.21
CA ALA A 161 16.10 -0.35 4.56
C ALA A 161 14.89 0.51 5.01
N ILE A 162 14.35 1.33 4.09
CA ILE A 162 13.17 2.16 4.33
C ILE A 162 12.05 1.41 3.64
N LEU A 163 11.28 0.61 4.43
CA LEU A 163 10.28 -0.27 3.84
C LEU A 163 8.85 0.27 3.87
N ARG A 164 8.34 0.63 2.68
CA ARG A 164 6.95 1.02 2.52
C ARG A 164 6.17 -0.27 2.59
N ILE A 165 5.47 -0.46 3.71
CA ILE A 165 4.73 -1.70 3.91
C ILE A 165 3.36 -1.60 3.32
N PHE A 166 3.06 -2.54 2.43
CA PHE A 166 1.71 -2.68 1.92
C PHE A 166 1.10 -4.00 2.36
N PRO A 167 0.16 -4.01 3.33
CA PRO A 167 -0.63 -5.23 3.53
C PRO A 167 -1.43 -5.54 2.25
N PHE A 168 -1.69 -6.78 1.96
CA PHE A 168 -2.54 -7.06 0.81
C PHE A 168 -3.58 -8.09 1.17
N ASN A 169 -4.78 -7.93 0.61
CA ASN A 169 -5.84 -8.91 0.72
C ASN A 169 -6.11 -9.37 -0.73
N ASP A 170 -7.20 -10.11 -1.00
CA ASP A 170 -7.47 -10.59 -2.37
C ASP A 170 -7.86 -9.48 -3.34
N TYR A 171 -8.07 -8.27 -2.87
CA TYR A 171 -8.67 -7.20 -3.66
C TYR A 171 -7.88 -5.93 -3.72
N SER A 172 -6.65 -5.93 -3.18
CA SER A 172 -5.87 -4.72 -3.10
C SER A 172 -4.69 -4.71 -4.05
N GLY A 173 -4.23 -3.50 -4.32
CA GLY A 173 -3.11 -3.23 -5.18
C GLY A 173 -3.44 -2.04 -6.05
N ASP A 174 -2.67 -1.88 -7.13
CA ASP A 174 -2.83 -0.78 -8.07
C ASP A 174 -3.72 -1.23 -9.21
N TYR A 175 -4.95 -0.79 -9.13
CA TYR A 175 -5.96 -1.05 -10.14
C TYR A 175 -5.69 -0.22 -11.37
N SER A 176 -6.12 -0.68 -12.52
CA SER A 176 -6.09 0.15 -13.71
C SER A 176 -7.26 1.10 -13.58
N GLY A 177 -7.05 2.37 -13.88
CA GLY A 177 -8.14 3.36 -13.87
C GLY A 177 -8.69 3.66 -15.26
N THR A 178 -8.24 2.92 -16.26
CA THR A 178 -8.62 3.05 -17.67
C THR A 178 -10.17 3.03 -17.90
N GLY A 179 -10.89 2.19 -17.14
CA GLY A 179 -12.34 2.07 -17.26
C GLY A 179 -13.14 3.01 -16.37
N ILE A 180 -12.47 3.93 -15.67
CA ILE A 180 -13.14 4.88 -14.80
C ILE A 180 -13.10 6.24 -15.43
N THR A 181 -14.26 6.91 -15.53
CA THR A 181 -14.28 8.29 -16.01
C THR A 181 -14.53 9.20 -14.81
N ASN A 182 -14.00 10.43 -14.91
CA ASN A 182 -14.18 11.51 -13.94
C ASN A 182 -14.71 12.70 -14.69
N LYS A 183 -15.99 13.02 -14.47
CA LYS A 183 -16.64 14.15 -15.13
C LYS A 183 -17.05 15.16 -14.06
N VAL A 184 -17.17 16.45 -14.42
CA VAL A 184 -17.56 17.52 -13.50
C VAL A 184 -19.04 17.86 -13.70
N VAL A 185 -19.81 17.88 -12.60
CA VAL A 185 -21.22 18.26 -12.62
C VAL A 185 -21.26 19.80 -12.68
N THR A 186 -21.72 20.31 -13.82
CA THR A 186 -21.80 21.69 -14.29
C THR A 186 -23.08 22.41 -13.83
N GLY A 187 -24.15 21.67 -13.70
CA GLY A 187 -25.46 22.15 -13.28
C GLY A 187 -26.50 21.06 -13.33
N TYR A 188 -27.78 21.42 -13.30
CA TYR A 188 -28.88 20.47 -13.32
C TYR A 188 -29.93 20.94 -14.32
N ASP A 189 -30.47 20.00 -15.13
CA ASP A 189 -31.46 20.32 -16.15
C ASP A 189 -32.87 20.50 -15.53
N GLY A 190 -33.88 20.65 -16.39
CA GLY A 190 -35.27 20.83 -15.99
C GLY A 190 -35.80 19.72 -15.11
N ASP A 191 -35.37 18.47 -15.40
CA ASP A 191 -35.75 17.26 -14.66
C ASP A 191 -34.93 17.07 -13.38
N GLY A 192 -33.96 17.94 -13.14
CA GLY A 192 -33.10 17.87 -11.98
C GLY A 192 -31.86 17.00 -12.19
N LYS A 193 -31.82 16.25 -13.33
CA LYS A 193 -30.69 15.38 -13.72
C LYS A 193 -29.41 16.25 -13.88
N PRO A 194 -28.22 15.72 -13.52
CA PRO A 194 -27.00 16.54 -13.62
C PRO A 194 -26.50 16.75 -15.05
N ILE A 195 -26.03 17.97 -15.34
CA ILE A 195 -25.37 18.34 -16.57
C ILE A 195 -23.91 18.13 -16.26
N GLU A 196 -23.25 17.32 -17.06
CA GLU A 196 -21.85 16.96 -16.84
C GLU A 196 -20.99 17.31 -17.99
N THR A 197 -19.70 17.47 -17.71
CA THR A 197 -18.71 17.72 -18.74
C THR A 197 -18.61 16.50 -19.62
N ALA A 198 -18.38 16.76 -20.91
CA ALA A 198 -18.22 15.73 -21.90
C ALA A 198 -16.87 15.02 -21.68
N GLU A 199 -15.76 15.80 -21.60
CA GLU A 199 -14.41 15.29 -21.41
C GLU A 199 -14.24 14.70 -20.02
N SER A 200 -13.35 13.71 -19.91
CA SER A 200 -13.05 13.01 -18.66
C SER A 200 -11.56 13.11 -18.32
N ILE A 201 -11.27 13.10 -17.02
CA ILE A 201 -9.93 13.06 -16.45
C ILE A 201 -9.68 11.59 -16.12
N THR A 202 -8.68 10.98 -16.76
CA THR A 202 -8.48 9.56 -16.48
C THR A 202 -7.19 9.36 -15.70
N LYS A 203 -7.36 8.76 -14.50
CA LYS A 203 -6.32 8.28 -13.61
C LYS A 203 -5.96 6.90 -14.11
N SER A 204 -4.80 6.72 -14.74
CA SER A 204 -4.42 5.41 -15.29
C SER A 204 -4.23 4.34 -14.20
N SER A 205 -3.81 4.76 -13.00
CA SER A 205 -3.56 3.87 -11.87
C SER A 205 -4.31 4.34 -10.62
N ILE A 206 -5.07 3.43 -9.98
CA ILE A 206 -5.84 3.74 -8.78
C ILE A 206 -5.43 2.73 -7.73
N ARG A 207 -4.85 3.21 -6.65
CA ARG A 207 -4.39 2.34 -5.59
C ARG A 207 -5.53 1.98 -4.65
N GLY A 208 -5.71 0.68 -4.45
CA GLY A 208 -6.71 0.09 -3.55
C GLY A 208 -5.96 -0.35 -2.32
N TYR A 209 -6.20 0.33 -1.19
CA TYR A 209 -5.51 0.07 0.09
C TYR A 209 -6.30 -0.85 0.96
N VAL A 210 -5.62 -1.73 1.68
CA VAL A 210 -6.29 -2.65 2.61
C VAL A 210 -6.88 -1.93 3.84
N ILE A 211 -8.10 -2.37 4.24
CA ILE A 211 -8.78 -1.97 5.48
C ILE A 211 -8.81 -3.23 6.36
N ASP A 212 -9.37 -4.29 5.81
CA ASP A 212 -9.39 -5.62 6.41
C ASP A 212 -9.38 -6.66 5.26
N GLU A 213 -9.71 -7.92 5.53
CA GLU A 213 -9.70 -9.00 4.52
C GLU A 213 -10.66 -8.81 3.35
N GLN A 214 -11.79 -8.14 3.60
CA GLN A 214 -12.86 -8.01 2.58
C GLN A 214 -13.14 -6.56 2.24
N THR A 215 -12.24 -5.66 2.65
CA THR A 215 -12.43 -4.24 2.45
C THR A 215 -11.15 -3.54 2.06
N ILE A 216 -11.28 -2.65 1.11
CA ILE A 216 -10.20 -1.75 0.68
C ILE A 216 -10.77 -0.34 0.74
N PHE A 217 -9.91 0.64 0.48
CA PHE A 217 -10.39 1.98 0.16
C PHE A 217 -9.57 2.50 -1.04
N THR A 218 -10.16 3.44 -1.77
CA THR A 218 -9.46 4.22 -2.80
C THR A 218 -9.65 5.68 -2.38
N TYR A 219 -8.83 6.59 -2.86
CA TYR A 219 -9.17 7.98 -2.70
C TYR A 219 -10.29 8.32 -3.73
N ALA A 220 -11.15 9.30 -3.42
CA ALA A 220 -12.24 9.71 -4.29
C ALA A 220 -11.72 10.26 -5.62
N GLY A 221 -12.24 9.75 -6.72
CA GLY A 221 -11.86 10.12 -8.06
C GLY A 221 -10.38 10.34 -8.37
N ILE A 222 -10.03 11.60 -8.66
CA ILE A 222 -8.68 12.02 -9.07
C ILE A 222 -7.75 12.23 -7.88
N VAL A 223 -8.29 12.24 -6.65
CA VAL A 223 -7.47 12.38 -5.45
C VAL A 223 -6.56 11.16 -5.36
N ASP A 224 -5.32 11.36 -4.93
CA ASP A 224 -4.36 10.28 -4.74
C ASP A 224 -3.46 10.60 -3.55
N GLU A 225 -2.48 9.73 -3.30
CA GLU A 225 -1.49 9.77 -2.23
C GLU A 225 -0.70 11.07 -2.12
N ASP A 226 -0.56 11.83 -3.22
CA ASP A 226 0.25 13.03 -3.18
C ASP A 226 -0.61 14.30 -2.90
N TYR A 227 -1.89 14.12 -2.54
CA TYR A 227 -2.80 15.19 -2.10
C TYR A 227 -2.61 15.37 -0.60
N THR A 228 -2.34 16.61 -0.17
CA THR A 228 -2.14 16.89 1.26
C THR A 228 -3.47 16.69 2.01
N ASP A 229 -4.61 16.85 1.33
CA ASP A 229 -5.98 16.70 1.89
C ASP A 229 -6.62 15.29 1.65
N ARG A 230 -5.84 14.28 1.18
CA ARG A 230 -6.20 12.85 0.96
C ARG A 230 -7.31 12.32 1.85
N ARG A 231 -7.05 12.41 3.18
CA ARG A 231 -7.80 11.82 4.30
C ARG A 231 -9.28 12.23 4.30
N LYS A 232 -9.60 13.38 3.70
CA LYS A 232 -10.97 13.88 3.56
C LYS A 232 -11.73 13.11 2.44
N TYR A 233 -11.01 12.35 1.58
CA TYR A 233 -11.60 11.71 0.41
C TYR A 233 -11.43 10.16 0.31
N LYS A 234 -11.65 9.42 1.42
CA LYS A 234 -11.54 7.95 1.37
C LYS A 234 -12.88 7.28 1.01
N ILE A 235 -12.87 6.48 -0.07
CA ILE A 235 -14.05 5.74 -0.53
C ILE A 235 -13.82 4.24 -0.25
N LYS A 236 -14.64 3.67 0.64
CA LYS A 236 -14.55 2.28 1.08
C LYS A 236 -15.22 1.34 0.13
N PHE A 237 -14.56 0.20 -0.17
CA PHE A 237 -15.08 -0.88 -1.02
C PHE A 237 -15.09 -2.18 -0.23
N ALA A 238 -16.29 -2.69 0.07
CA ALA A 238 -16.48 -3.92 0.83
C ALA A 238 -16.97 -4.99 -0.12
N PHE A 239 -16.25 -6.13 -0.21
CA PHE A 239 -16.53 -7.24 -1.13
C PHE A 239 -17.41 -8.23 -0.43
N ASN A 240 -18.68 -8.33 -0.85
CA ASN A 240 -19.67 -9.18 -0.19
C ASN A 240 -19.75 -10.56 -0.84
N GLY A 241 -18.59 -11.23 -0.84
CA GLY A 241 -18.37 -12.57 -1.40
C GLY A 241 -16.88 -12.87 -1.40
N GLU A 242 -16.51 -14.11 -1.78
CA GLU A 242 -15.09 -14.46 -1.88
C GLU A 242 -14.55 -14.17 -3.28
N THR A 243 -15.16 -14.76 -4.32
CA THR A 243 -14.67 -14.59 -5.69
C THR A 243 -15.69 -13.87 -6.60
N ASN A 244 -16.86 -13.57 -6.09
CA ASN A 244 -17.89 -12.80 -6.79
C ASN A 244 -18.94 -12.33 -5.80
N GLY A 245 -19.73 -11.35 -6.19
CA GLY A 245 -20.78 -10.84 -5.33
C GLY A 245 -20.94 -9.35 -5.51
N SER A 246 -21.71 -8.73 -4.65
CA SER A 246 -21.91 -7.29 -4.70
C SER A 246 -20.75 -6.61 -3.99
N VAL A 247 -20.65 -5.29 -4.18
CA VAL A 247 -19.69 -4.42 -3.49
C VAL A 247 -20.51 -3.33 -2.76
N THR A 248 -20.16 -3.04 -1.50
CA THR A 248 -20.76 -1.94 -0.76
C THR A 248 -19.77 -0.78 -0.82
N ILE A 249 -20.18 0.30 -1.48
CA ILE A 249 -19.35 1.50 -1.61
C ILE A 249 -19.85 2.51 -0.58
N SER A 250 -18.98 2.96 0.30
CA SER A 250 -19.38 3.94 1.29
C SER A 250 -18.27 4.96 1.56
N CYS A 251 -18.62 5.97 2.33
CA CYS A 251 -17.75 7.07 2.72
C CYS A 251 -18.11 7.46 4.14
N ASP A 252 -17.14 7.36 5.08
CA ASP A 252 -17.38 7.66 6.49
C ASP A 252 -17.63 9.15 6.75
N ASN A 253 -17.13 10.05 5.89
CA ASN A 253 -17.41 11.49 5.99
C ASN A 253 -18.21 11.92 4.73
N ALA A 254 -19.25 11.15 4.39
CA ALA A 254 -20.14 11.40 3.24
C ALA A 254 -20.72 12.83 3.21
N GLU A 255 -21.26 13.33 4.36
CA GLU A 255 -21.89 14.65 4.47
C GLU A 255 -20.93 15.81 4.19
N GLU A 256 -19.66 15.67 4.59
CA GLU A 256 -18.65 16.69 4.41
C GLU A 256 -18.29 16.91 2.93
N ILE A 257 -18.14 15.81 2.15
CA ILE A 257 -17.70 15.88 0.75
C ILE A 257 -18.87 15.68 -0.22
N GLY A 258 -20.09 15.79 0.30
CA GLY A 258 -21.33 15.64 -0.47
C GLY A 258 -21.39 14.37 -1.29
N PHE A 259 -20.91 13.26 -0.69
CA PHE A 259 -20.85 11.94 -1.30
C PHE A 259 -22.25 11.44 -1.57
N GLU A 260 -22.45 10.88 -2.76
CA GLU A 260 -23.75 10.38 -3.22
C GLU A 260 -23.54 9.20 -4.13
N LEU A 261 -24.15 8.09 -3.81
CA LEU A 261 -24.10 6.93 -4.69
C LEU A 261 -25.25 6.98 -5.64
N ASN A 262 -25.02 6.50 -6.86
CA ASN A 262 -26.09 6.33 -7.82
C ASN A 262 -26.83 5.07 -7.38
N LYS A 263 -28.12 5.20 -7.05
CA LYS A 263 -28.95 4.12 -6.54
C LYS A 263 -29.54 3.18 -7.63
N ASP A 264 -29.39 3.50 -8.94
CA ASP A 264 -30.00 2.71 -10.04
C ASP A 264 -29.49 1.24 -10.12
N VAL A 265 -28.16 1.04 -10.08
CA VAL A 265 -27.57 -0.31 -10.12
C VAL A 265 -26.60 -0.45 -8.95
N THR A 266 -26.45 -1.68 -8.47
CA THR A 266 -25.56 -1.97 -7.35
CA THR A 266 -25.56 -1.97 -7.34
C THR A 266 -24.24 -2.52 -7.90
N PRO A 267 -23.08 -1.98 -7.43
CA PRO A 267 -21.79 -2.49 -7.96
C PRO A 267 -21.54 -3.95 -7.57
N SER A 268 -20.73 -4.66 -8.36
CA SER A 268 -20.42 -6.09 -8.17
C SER A 268 -19.00 -6.38 -8.58
N PHE A 269 -18.46 -7.51 -8.12
CA PHE A 269 -17.11 -7.90 -8.48
C PHE A 269 -17.09 -9.33 -8.88
N ARG A 270 -15.99 -9.71 -9.49
CA ARG A 270 -15.73 -11.05 -9.94
C ARG A 270 -14.24 -11.24 -10.04
N ILE A 271 -13.73 -12.40 -9.61
CA ILE A 271 -12.32 -12.77 -9.70
C ILE A 271 -12.23 -13.81 -10.81
N SER A 272 -11.26 -13.67 -11.70
CA SER A 272 -11.07 -14.55 -12.85
C SER A 272 -9.59 -14.71 -13.19
N SER A 273 -9.24 -15.83 -13.83
CA SER A 273 -7.88 -16.22 -14.20
C SER A 273 -7.68 -16.44 -15.69
N SER A 274 -6.43 -16.24 -16.10
CA SER A 274 -5.93 -16.43 -17.46
C SER A 274 -4.45 -16.77 -17.41
N MSE A 275 -4.05 -17.73 -18.23
CA MSE A 275 -2.68 -18.20 -18.38
C MSE A 275 -1.92 -17.23 -19.28
O MSE A 275 -2.50 -16.66 -20.20
CB MSE A 275 -2.68 -19.62 -18.99
CG MSE A 275 -1.81 -20.60 -18.22
N ASP A 276 -0.61 -17.04 -19.00
CA ASP A 276 0.23 -16.20 -19.84
C ASP A 276 0.58 -16.98 -21.11
N ASP A 277 0.74 -16.28 -22.26
CA ASP A 277 1.08 -16.93 -23.53
C ASP A 277 2.54 -17.43 -23.53
N ALA A 278 3.46 -16.52 -23.16
CA ALA A 278 4.90 -16.75 -23.08
C ALA A 278 5.27 -17.75 -21.99
N LYS A 279 4.89 -17.46 -20.71
CA LYS A 279 5.18 -18.31 -19.56
C LYS A 279 3.90 -19.04 -19.11
N PRO A 280 3.61 -20.27 -19.61
CA PRO A 280 2.35 -20.94 -19.21
C PRO A 280 2.26 -21.30 -17.72
N TYR A 281 3.35 -21.14 -16.96
CA TYR A 281 3.31 -21.35 -15.49
C TYR A 281 2.84 -20.09 -14.78
N LEU A 282 2.75 -18.97 -15.50
CA LEU A 282 2.36 -17.69 -14.95
C LEU A 282 0.85 -17.49 -15.13
N GLU A 283 0.19 -17.18 -14.03
CA GLU A 283 -1.26 -16.99 -14.01
C GLU A 283 -1.57 -15.51 -13.75
N HIS A 284 -2.43 -14.94 -14.60
CA HIS A 284 -2.93 -13.57 -14.45
C HIS A 284 -4.26 -13.67 -13.74
N ARG A 285 -4.35 -13.13 -12.50
CA ARG A 285 -5.59 -13.13 -11.73
C ARG A 285 -6.16 -11.74 -11.81
N TYR A 286 -7.44 -11.65 -12.02
CA TYR A 286 -8.12 -10.37 -12.17
C TYR A 286 -9.21 -10.16 -11.17
N VAL A 287 -9.31 -8.94 -10.66
CA VAL A 287 -10.43 -8.54 -9.82
C VAL A 287 -11.15 -7.49 -10.65
N ILE A 288 -12.38 -7.77 -11.12
CA ILE A 288 -13.09 -6.78 -11.92
C ILE A 288 -14.23 -6.20 -11.09
N ILE A 289 -14.28 -4.87 -10.91
CA ILE A 289 -15.40 -4.25 -10.17
C ILE A 289 -16.21 -3.48 -11.16
N ASN A 290 -17.47 -3.85 -11.33
CA ASN A 290 -18.36 -3.21 -12.28
C ASN A 290 -19.34 -2.27 -11.62
N ASN A 291 -19.84 -1.31 -12.41
CA ASN A 291 -20.88 -0.35 -12.06
C ASN A 291 -20.53 0.52 -10.84
N VAL A 292 -19.30 1.01 -10.82
CA VAL A 292 -18.87 1.97 -9.82
C VAL A 292 -19.52 3.27 -10.29
N ASP A 293 -20.37 3.85 -9.48
CA ASP A 293 -21.09 5.05 -9.86
C ASP A 293 -21.35 5.91 -8.62
N TYR A 294 -20.58 6.98 -8.46
CA TYR A 294 -20.77 7.88 -7.33
C TYR A 294 -20.36 9.33 -7.69
N TYR A 295 -20.81 10.23 -6.81
CA TYR A 295 -20.58 11.66 -6.85
C TYR A 295 -19.92 12.16 -5.56
N PHE A 296 -19.05 13.17 -5.65
CA PHE A 296 -18.46 13.80 -4.46
C PHE A 296 -17.99 15.20 -4.80
N ASN A 297 -17.77 16.03 -3.77
CA ASN A 297 -17.28 17.39 -3.92
C ASN A 297 -15.81 17.48 -3.53
N TYR A 298 -14.96 17.92 -4.45
CA TYR A 298 -13.58 18.19 -4.14
C TYR A 298 -13.50 19.68 -3.80
N ILE A 299 -12.82 20.03 -2.69
CA ILE A 299 -12.69 21.41 -2.21
C ILE A 299 -11.19 21.77 -2.21
N PRO A 300 -10.68 22.39 -3.30
CA PRO A 300 -9.25 22.77 -3.34
C PRO A 300 -8.94 23.85 -2.29
N VAL A 301 -9.77 24.91 -2.28
CA VAL A 301 -9.70 26.00 -1.32
C VAL A 301 -11.13 26.23 -0.85
N GLU A 302 -11.33 26.78 0.36
CA GLU A 302 -12.67 27.05 0.90
C GLU A 302 -13.45 27.96 -0.06
N GLY A 303 -14.71 27.63 -0.27
CA GLY A 303 -15.58 28.37 -1.18
C GLY A 303 -15.58 27.87 -2.62
N THR A 304 -14.57 27.04 -2.98
CA THR A 304 -14.43 26.42 -4.31
C THR A 304 -14.85 24.96 -4.18
N ILE A 305 -15.95 24.61 -4.85
CA ILE A 305 -16.52 23.26 -4.84
C ILE A 305 -16.60 22.74 -6.30
N ILE A 306 -15.86 21.64 -6.57
CA ILE A 306 -15.84 20.94 -7.86
C ILE A 306 -16.48 19.58 -7.65
N ARG A 307 -17.73 19.43 -8.09
CA ARG A 307 -18.49 18.20 -7.94
C ARG A 307 -18.15 17.22 -9.07
N TYR A 308 -17.55 16.09 -8.69
CA TYR A 308 -17.17 15.05 -9.66
C TYR A 308 -18.13 13.92 -9.70
N HIS A 309 -18.32 13.35 -10.91
CA HIS A 309 -19.04 12.13 -11.16
C HIS A 309 -18.00 11.08 -11.57
N VAL A 310 -17.79 10.09 -10.71
CA VAL A 310 -16.85 8.98 -10.89
C VAL A 310 -17.67 7.77 -11.28
N LYS A 311 -17.36 7.14 -12.44
CA LYS A 311 -18.17 6.04 -12.95
C LYS A 311 -17.38 5.09 -13.84
N GLY A 312 -17.73 3.79 -13.77
CA GLY A 312 -17.09 2.78 -14.59
C GLY A 312 -16.68 1.49 -13.90
N THR A 313 -15.64 0.89 -14.49
CA THR A 313 -15.07 -0.39 -14.11
C THR A 313 -13.66 -0.20 -13.60
N LEU A 314 -13.33 -0.92 -12.54
CA LEU A 314 -12.00 -1.04 -11.94
C LEU A 314 -11.49 -2.44 -12.25
N THR A 315 -10.24 -2.56 -12.68
CA THR A 315 -9.63 -3.86 -12.97
C THR A 315 -8.26 -3.93 -12.34
N LEU A 316 -8.08 -4.92 -11.48
CA LEU A 316 -6.83 -5.24 -10.85
C LEU A 316 -6.30 -6.52 -11.44
N SER A 317 -5.04 -6.53 -11.87
CA SER A 317 -4.36 -7.73 -12.35
C SER A 317 -3.22 -8.09 -11.37
N ARG A 318 -3.05 -9.36 -11.11
CA ARG A 318 -2.04 -9.87 -10.20
C ARG A 318 -1.42 -11.07 -10.85
N ASP A 319 -0.10 -11.07 -10.98
CA ASP A 319 0.58 -12.18 -11.63
C ASP A 319 1.09 -13.12 -10.61
N ILE A 320 0.66 -14.38 -10.74
CA ILE A 320 0.99 -15.48 -9.85
C ILE A 320 1.87 -16.44 -10.60
N ASN A 321 3.11 -16.57 -10.14
CA ASN A 321 4.10 -17.49 -10.70
C ASN A 321 3.94 -18.79 -9.96
N THR A 322 3.29 -19.78 -10.56
CA THR A 322 3.06 -21.08 -9.89
C THR A 322 4.37 -21.92 -9.69
N GLN A 323 5.57 -21.36 -10.00
CA GLN A 323 6.85 -22.06 -9.74
C GLN A 323 7.30 -21.80 -8.26
N ILE A 324 6.36 -21.24 -7.46
CA ILE A 324 6.38 -20.96 -6.02
C ILE A 324 4.98 -21.46 -5.51
N PRO A 325 4.91 -22.46 -4.60
CA PRO A 325 3.58 -23.01 -4.22
C PRO A 325 2.96 -22.37 -2.96
N ASP A 326 3.62 -21.34 -2.38
CA ASP A 326 3.21 -20.64 -1.16
C ASP A 326 1.99 -19.71 -1.40
N GLU A 327 1.68 -19.39 -2.68
CA GLU A 327 0.61 -18.50 -3.17
C GLU A 327 0.81 -17.06 -2.68
N ASP A 328 1.02 -16.87 -1.34
CA ASP A 328 1.29 -15.57 -0.69
C ASP A 328 2.70 -15.09 -1.13
N GLN A 329 3.59 -16.03 -1.47
CA GLN A 329 4.95 -15.74 -1.93
C GLN A 329 5.08 -15.78 -3.47
N ALA A 330 4.15 -16.48 -4.16
CA ALA A 330 4.13 -16.67 -5.62
C ALA A 330 3.86 -15.39 -6.44
N ILE A 331 3.34 -14.31 -5.81
CA ILE A 331 2.97 -13.05 -6.47
C ILE A 331 4.16 -12.31 -7.01
N GLU A 332 4.06 -11.89 -8.28
CA GLU A 332 5.06 -11.07 -8.96
C GLU A 332 4.60 -9.62 -8.88
N TRP A 333 4.83 -9.01 -7.71
CA TRP A 333 4.45 -7.62 -7.41
C TRP A 333 5.12 -6.61 -8.34
CL CL B . 3.35 -6.62 16.42
C1 CIT C . -18.73 -16.33 -0.50
O1 CIT C . -17.72 -16.94 -0.18
O2 CIT C . -19.26 -15.38 0.25
C2 CIT C . -19.56 -16.63 -1.76
C3 CIT C . -18.91 -16.94 -3.12
O7 CIT C . -18.35 -15.74 -3.65
C4 CIT C . -17.78 -17.98 -2.95
C5 CIT C . -16.93 -18.24 -4.16
O3 CIT C . -16.95 -17.50 -5.13
O4 CIT C . -16.18 -19.31 -4.09
C6 CIT C . -19.97 -17.46 -4.09
O5 CIT C . -20.60 -16.74 -4.84
O6 CIT C . -20.13 -18.78 -4.04
C1 EDO D . -0.44 6.06 -5.91
O1 EDO D . -1.70 6.61 -5.47
C2 EDO D . -0.39 5.76 -7.45
O2 EDO D . -1.11 4.58 -7.82
C1 EDO E . -12.16 4.63 -7.41
O1 EDO E . -13.21 5.21 -6.65
C2 EDO E . -12.18 5.17 -8.83
O2 EDO E . -11.77 6.52 -8.83
C1 EDO F . -6.87 -12.66 -5.93
O1 EDO F . -6.80 -11.55 -6.83
C2 EDO F . -5.47 -13.32 -5.79
O2 EDO F . -5.53 -14.44 -4.91
C1 EDO G . -9.77 3.03 7.30
O1 EDO G . -8.57 3.18 6.55
C2 EDO G . -9.50 2.24 8.60
O2 EDO G . -8.94 3.11 9.58
C1 EDO H . -23.81 -13.80 -4.16
O1 EDO H . -23.82 -12.90 -5.25
C2 EDO H . -22.47 -13.70 -3.37
O2 EDO H . -21.48 -14.46 -4.05
C1 EDO I . -5.93 -12.30 3.86
O1 EDO I . -7.13 -11.71 3.36
C2 EDO I . -4.65 -11.55 3.37
O2 EDO I . -4.24 -11.98 2.06
C1 EDO J . -0.12 -3.97 -7.16
O1 EDO J . 1.24 -3.69 -7.51
C2 EDO J . -0.96 -4.55 -8.37
O2 EDO J . -0.88 -6.01 -8.52
#